data_4G2Z
#
_entry.id   4G2Z
#
_cell.length_a   62.388
_cell.length_b   49.830
_cell.length_c   65.323
_cell.angle_alpha   90.00
_cell.angle_beta   107.05
_cell.angle_gamma   90.00
#
_symmetry.space_group_name_H-M   'P 1 21 1'
#
loop_
_entity.id
_entity.type
_entity.pdbx_description
1 polymer Lactotransferrin
2 polymer 'C-terminal peptide from Lactotransferrin'
3 branched 2-acetamido-2-deoxy-beta-D-glucopyranose-(1-4)-2-acetamido-2-deoxy-beta-D-glucopyranose
4 non-polymer 2-acetamido-2-deoxy-beta-D-glucopyranose
5 non-polymer 'FE (III) ION'
6 non-polymer 'ZINC ION'
7 non-polymer 'CARBONATE ION'
8 non-polymer 'SULFATE ION'
9 non-polymer '2-[(2,3-DIMETHYLPHENYL)AMINO]BENZOIC ACID'
10 water water
#
loop_
_entity_poly.entity_id
_entity_poly.type
_entity_poly.pdbx_seq_one_letter_code
_entity_poly.pdbx_strand_id
1 'polypeptide(L)'
;YTRVVWCAVGPEEQKKCQQWSQQSGQNVTCATASTTDDCIVLVLKGEADALNLDGGYIYTAGKCGLVPVLAENRKSSKHS
SLDCVLRPTEGYLAVAVVKKANEGLTWNSLKDKKSCHTAVDRTAGWNIPMGLIVNQTGSCAFDEFFSQSCAPGADPKSRL
CALCAGDDQGLDKCVPNSKEKYYGYTGAFRCLAEDVGDVAFVKNDTVWENTNGESTADWAKNLKREDFRLLCLDGTRKPV
TEAQSCHLAVAPNHAVVSRSDRAAHVEQVLLHQQALFGKNGKNCPDKFCLFKSETKNLLFNDNTECLAKLGGRPTYEEYL
GTEYVTAIANLKKCS
;
A
2 'polypeptide(L)' LEACAF B
#
# COMPACT_ATOMS: atom_id res chain seq x y z
N TYR A 1 -11.04 -29.48 0.47
CA TYR A 1 -10.52 -28.21 -0.02
C TYR A 1 -11.51 -27.58 -0.94
N THR A 2 -11.46 -26.26 -0.99
CA THR A 2 -12.24 -25.58 -1.98
C THR A 2 -11.29 -24.74 -2.79
N ARG A 3 -11.79 -24.21 -3.85
CA ARG A 3 -11.06 -23.18 -4.52
C ARG A 3 -11.05 -21.92 -3.65
N VAL A 4 -10.01 -21.10 -3.78
CA VAL A 4 -10.05 -19.79 -3.12
C VAL A 4 -10.28 -18.75 -4.23
N VAL A 5 -11.21 -17.80 -4.00
CA VAL A 5 -11.53 -16.82 -5.00
C VAL A 5 -10.79 -15.54 -4.51
N TRP A 6 -9.83 -15.07 -5.31
CA TRP A 6 -9.03 -13.87 -4.91
C TRP A 6 -9.73 -12.68 -5.46
N CYS A 7 -9.61 -11.49 -4.82
CA CYS A 7 -10.27 -10.33 -5.40
C CYS A 7 -9.18 -9.41 -5.92
N ALA A 8 -9.23 -9.13 -7.23
CA ALA A 8 -8.26 -8.25 -7.90
C ALA A 8 -8.89 -6.87 -8.03
N VAL A 9 -8.05 -5.87 -7.82
CA VAL A 9 -8.45 -4.47 -7.82
C VAL A 9 -8.00 -3.89 -9.16
N GLY A 10 -8.97 -3.71 -10.04
CA GLY A 10 -8.71 -3.17 -11.38
C GLY A 10 -8.17 -4.20 -12.36
N PRO A 11 -8.03 -3.78 -13.65
CA PRO A 11 -7.72 -4.75 -14.73
C PRO A 11 -6.32 -5.30 -14.81
N GLU A 12 -5.33 -4.58 -14.26
CA GLU A 12 -4.01 -5.08 -14.35
C GLU A 12 -3.85 -6.18 -13.26
N GLU A 13 -4.42 -5.97 -12.08
CA GLU A 13 -4.44 -7.06 -11.09
C GLU A 13 -5.25 -8.24 -11.63
N GLN A 14 -6.37 -7.93 -12.30
CA GLN A 14 -7.24 -9.02 -12.80
C GLN A 14 -6.37 -9.86 -13.76
N LYS A 15 -5.58 -9.24 -14.64
CA LYS A 15 -4.74 -10.05 -15.58
C LYS A 15 -3.76 -10.92 -14.85
N LYS A 16 -3.07 -10.36 -13.83
CA LYS A 16 -2.12 -11.16 -13.05
C LYS A 16 -2.86 -12.31 -12.32
N CYS A 17 -3.99 -12.00 -11.71
CA CYS A 17 -4.79 -13.00 -11.07
C CYS A 17 -5.17 -14.11 -12.05
N GLN A 18 -5.59 -13.75 -13.27
CA GLN A 18 -5.94 -14.79 -14.23
C GLN A 18 -4.74 -15.70 -14.55
N GLN A 19 -3.55 -15.14 -14.67
CA GLN A 19 -2.37 -15.97 -14.86
C GLN A 19 -2.09 -16.88 -13.66
N TRP A 20 -2.19 -16.32 -12.45
CA TRP A 20 -2.11 -17.17 -11.25
C TRP A 20 -3.14 -18.30 -11.29
N SER A 21 -4.35 -17.96 -11.66
CA SER A 21 -5.44 -18.95 -11.60
C SER A 21 -5.10 -20.13 -12.57
N GLN A 22 -4.70 -19.80 -13.78
CA GLN A 22 -4.33 -20.81 -14.73
C GLN A 22 -3.18 -21.66 -14.25
N GLN A 23 -2.14 -21.05 -13.75
CA GLN A 23 -1.02 -21.84 -13.19
C GLN A 23 -1.33 -22.69 -11.99
N SER A 24 -2.29 -22.27 -11.15
CA SER A 24 -2.66 -22.99 -9.95
C SER A 24 -3.64 -24.11 -10.33
N GLY A 25 -3.93 -24.27 -11.61
CA GLY A 25 -4.98 -25.25 -12.09
C GLY A 25 -6.32 -24.97 -11.42
N GLN A 26 -6.67 -23.68 -11.26
CA GLN A 26 -7.97 -23.24 -10.63
C GLN A 26 -8.12 -23.53 -9.20
N ASN A 27 -7.05 -23.85 -8.50
CA ASN A 27 -7.12 -23.81 -7.03
C ASN A 27 -7.40 -22.40 -6.49
N VAL A 28 -6.94 -21.43 -7.24
CA VAL A 28 -7.27 -20.01 -7.01
C VAL A 28 -8.01 -19.55 -8.26
N THR A 29 -9.12 -18.84 -8.09
CA THR A 29 -9.80 -18.18 -9.17
C THR A 29 -9.99 -16.68 -8.81
N CYS A 30 -10.57 -15.90 -9.70
CA CYS A 30 -10.46 -14.42 -9.63
C CYS A 30 -11.84 -13.78 -9.68
N ALA A 31 -12.10 -12.84 -8.76
CA ALA A 31 -13.17 -11.88 -8.91
C ALA A 31 -12.47 -10.55 -9.07
N THR A 32 -13.07 -9.55 -9.70
CA THR A 32 -12.35 -8.28 -9.83
C THR A 32 -13.32 -7.19 -9.53
N ALA A 33 -12.83 -6.10 -8.90
CA ALA A 33 -13.67 -4.97 -8.64
C ALA A 33 -12.85 -3.71 -8.98
N SER A 34 -13.48 -2.52 -9.03
CA SER A 34 -12.71 -1.31 -9.46
C SER A 34 -11.93 -0.72 -8.31
N THR A 35 -12.33 -0.97 -7.05
CA THR A 35 -11.60 -0.37 -5.94
C THR A 35 -11.45 -1.40 -4.85
N THR A 36 -10.54 -1.07 -3.93
CA THR A 36 -10.32 -1.97 -2.78
C THR A 36 -11.59 -2.03 -1.93
N ASP A 37 -12.26 -0.89 -1.67
CA ASP A 37 -13.49 -0.97 -0.98
C ASP A 37 -14.52 -1.91 -1.65
N ASP A 38 -14.66 -1.85 -2.97
CA ASP A 38 -15.59 -2.75 -3.60
C ASP A 38 -15.13 -4.24 -3.46
N CYS A 39 -13.83 -4.49 -3.46
CA CYS A 39 -13.38 -5.87 -3.22
C CYS A 39 -13.73 -6.32 -1.78
N ILE A 40 -13.58 -5.44 -0.81
CA ILE A 40 -13.96 -5.76 0.55
C ILE A 40 -15.46 -6.16 0.61
N VAL A 41 -16.29 -5.40 -0.10
CA VAL A 41 -17.75 -5.71 -0.17
C VAL A 41 -17.98 -7.07 -0.85
N LEU A 42 -17.23 -7.39 -1.91
CA LEU A 42 -17.39 -8.73 -2.52
C LEU A 42 -17.05 -9.81 -1.49
N VAL A 43 -15.97 -9.57 -0.74
CA VAL A 43 -15.60 -10.55 0.27
C VAL A 43 -16.69 -10.68 1.37
N LEU A 44 -17.24 -9.54 1.81
CA LEU A 44 -18.31 -9.56 2.84
C LEU A 44 -19.53 -10.29 2.29
N LYS A 45 -19.85 -10.12 1.01
CA LYS A 45 -20.99 -10.86 0.43
C LYS A 45 -20.70 -12.35 0.21
N GLY A 46 -19.44 -12.78 0.31
CA GLY A 46 -19.08 -14.19 0.12
C GLY A 46 -18.91 -14.47 -1.37
N GLU A 47 -18.78 -13.40 -2.20
CA GLU A 47 -18.52 -13.51 -3.66
C GLU A 47 -17.05 -13.49 -3.99
N ALA A 48 -16.19 -13.20 -3.01
CA ALA A 48 -14.76 -13.45 -3.18
C ALA A 48 -14.32 -13.93 -1.78
N ASP A 49 -13.17 -14.59 -1.69
CA ASP A 49 -12.69 -15.03 -0.37
C ASP A 49 -11.69 -14.12 0.30
N ALA A 50 -10.77 -13.53 -0.49
CA ALA A 50 -9.61 -12.87 0.16
C ALA A 50 -8.93 -11.88 -0.78
N LEU A 51 -8.14 -10.96 -0.20
CA LEU A 51 -7.19 -10.12 -0.95
C LEU A 51 -6.22 -9.56 0.06
N ASN A 52 -5.11 -9.06 -0.45
CA ASN A 52 -4.06 -8.51 0.41
C ASN A 52 -4.27 -6.97 0.53
N LEU A 53 -4.15 -6.39 1.72
CA LEU A 53 -4.57 -5.01 1.94
C LEU A 53 -3.54 -4.20 2.70
N ASP A 54 -3.40 -2.93 2.34
CA ASP A 54 -2.71 -1.98 3.19
C ASP A 54 -3.45 -1.87 4.58
N GLY A 55 -2.75 -1.49 5.62
CA GLY A 55 -3.26 -1.40 7.02
C GLY A 55 -4.50 -0.47 7.10
N GLY A 56 -4.55 0.64 6.34
CA GLY A 56 -5.74 1.47 6.37
C GLY A 56 -6.97 0.75 5.85
N TYR A 57 -6.79 -0.07 4.82
CA TYR A 57 -7.94 -0.85 4.32
C TYR A 57 -8.24 -2.02 5.25
N ILE A 58 -7.19 -2.55 5.90
CA ILE A 58 -7.46 -3.59 6.94
C ILE A 58 -8.40 -3.04 8.03
N TYR A 59 -8.19 -1.78 8.41
CA TYR A 59 -9.09 -1.14 9.36
C TYR A 59 -10.56 -1.14 8.84
N THR A 60 -10.75 -0.74 7.59
CA THR A 60 -12.11 -0.75 6.97
C THR A 60 -12.65 -2.15 6.99
N ALA A 61 -11.84 -3.13 6.55
CA ALA A 61 -12.34 -4.51 6.41
C ALA A 61 -12.59 -5.11 7.81
N GLY A 62 -11.80 -4.70 8.81
CA GLY A 62 -11.90 -5.30 10.13
C GLY A 62 -13.11 -4.76 10.88
N LYS A 63 -13.44 -3.46 10.69
CA LYS A 63 -14.70 -2.95 11.26
C LYS A 63 -15.91 -3.72 10.68
N CYS A 64 -15.72 -4.31 9.49
CA CYS A 64 -16.84 -5.07 8.89
C CYS A 64 -16.79 -6.55 9.17
N GLY A 65 -15.87 -6.95 10.06
CA GLY A 65 -15.76 -8.36 10.48
C GLY A 65 -14.73 -9.23 9.74
N LEU A 66 -13.94 -8.71 8.79
CA LEU A 66 -12.99 -9.59 8.09
C LEU A 66 -11.73 -9.62 8.99
N VAL A 67 -10.93 -10.66 8.86
CA VAL A 67 -9.84 -10.92 9.78
C VAL A 67 -8.50 -11.05 9.02
N PRO A 68 -7.39 -10.67 9.66
CA PRO A 68 -6.06 -10.90 9.01
C PRO A 68 -5.78 -12.42 9.01
N VAL A 69 -5.11 -12.88 7.96
CA VAL A 69 -4.81 -14.30 7.81
C VAL A 69 -3.30 -14.55 7.72
N LEU A 70 -2.58 -13.83 6.83
CA LEU A 70 -1.07 -13.95 6.70
C LEU A 70 -0.61 -12.50 6.36
N ALA A 71 0.64 -12.15 6.71
CA ALA A 71 1.17 -10.81 6.48
C ALA A 71 2.24 -10.91 5.40
N GLU A 72 2.42 -9.87 4.61
CA GLU A 72 3.64 -9.78 3.79
C GLU A 72 4.88 -9.69 4.68
N ASN A 73 5.94 -10.39 4.32
CA ASN A 73 7.21 -10.26 5.08
C ASN A 73 8.28 -9.96 4.05
N ARG A 74 8.98 -8.88 4.19
CA ARG A 74 9.95 -8.58 3.12
C ARG A 74 11.31 -9.02 3.70
N LYS A 75 12.36 -8.90 2.90
CA LYS A 75 13.73 -9.11 3.39
C LYS A 75 13.99 -8.51 4.80
N SER A 76 14.41 -9.33 5.75
CA SER A 76 14.66 -8.83 7.12
C SER A 76 15.91 -7.94 7.15
N SER A 77 15.82 -6.83 7.90
CA SER A 77 16.98 -5.97 8.20
C SER A 77 18.11 -6.73 8.97
N LYS A 78 17.75 -7.39 10.08
CA LYS A 78 18.67 -8.16 10.94
C LYS A 78 18.67 -9.64 10.60
N HIS A 79 19.72 -10.35 11.03
CA HIS A 79 19.85 -11.77 10.72
C HIS A 79 18.85 -12.61 11.46
N SER A 80 18.42 -13.67 10.79
CA SER A 80 17.46 -14.61 11.32
C SER A 80 17.68 -15.97 10.67
N SER A 81 17.75 -17.00 11.52
CA SER A 81 17.76 -18.39 11.06
C SER A 81 16.32 -18.89 10.80
N LEU A 82 15.32 -18.20 11.37
CA LEU A 82 13.90 -18.52 11.15
C LEU A 82 13.51 -18.53 9.66
N ASP A 83 12.65 -19.47 9.30
CA ASP A 83 12.14 -19.49 7.95
C ASP A 83 11.27 -18.21 7.80
N CYS A 84 11.26 -17.65 6.59
CA CYS A 84 10.41 -16.44 6.27
C CYS A 84 8.97 -16.56 6.80
N VAL A 85 8.35 -17.71 6.58
CA VAL A 85 6.96 -17.89 6.98
C VAL A 85 6.76 -17.81 8.49
N LEU A 86 7.83 -18.03 9.26
CA LEU A 86 7.78 -18.00 10.73
C LEU A 86 8.43 -16.74 11.35
N ARG A 87 9.21 -15.99 10.58
CA ARG A 87 9.81 -14.75 11.04
C ARG A 87 8.75 -13.68 11.40
N PRO A 88 8.86 -13.06 12.61
CA PRO A 88 7.95 -11.93 12.95
C PRO A 88 8.09 -10.78 11.91
N THR A 89 6.99 -10.13 11.53
CA THR A 89 7.10 -9.01 10.57
C THR A 89 7.66 -7.76 11.29
N GLU A 90 8.28 -6.85 10.54
CA GLU A 90 8.90 -5.67 11.12
C GLU A 90 8.27 -4.29 10.81
N GLY A 91 7.28 -4.23 9.96
CA GLY A 91 6.56 -2.91 9.75
C GLY A 91 7.41 -2.08 8.79
N TYR A 92 6.84 -1.16 8.03
CA TYR A 92 7.65 -0.44 7.11
C TYR A 92 7.59 1.01 7.53
N LEU A 93 8.51 1.83 6.97
CA LEU A 93 8.65 3.18 7.46
C LEU A 93 7.86 4.10 6.52
N ALA A 94 6.84 4.78 7.04
CA ALA A 94 6.11 5.80 6.27
C ALA A 94 7.02 7.05 6.22
N VAL A 95 7.25 7.60 5.02
CA VAL A 95 8.12 8.79 4.96
C VAL A 95 7.47 9.85 4.08
N ALA A 96 7.98 11.09 4.14
CA ALA A 96 7.56 12.15 3.21
C ALA A 96 8.79 12.51 2.39
N VAL A 97 8.65 12.44 1.06
CA VAL A 97 9.80 12.52 0.19
C VAL A 97 9.62 13.77 -0.71
N VAL A 98 10.74 14.47 -0.89
CA VAL A 98 10.77 15.69 -1.73
C VAL A 98 11.98 15.69 -2.58
N LYS A 99 12.06 16.64 -3.54
CA LYS A 99 13.32 16.72 -4.30
C LYS A 99 14.35 17.54 -3.52
N LYS A 100 15.57 17.06 -3.56
CA LYS A 100 16.73 17.84 -2.99
C LYS A 100 16.78 19.28 -3.54
N ALA A 101 16.50 19.44 -4.84
CA ALA A 101 16.60 20.77 -5.49
C ALA A 101 15.46 21.67 -5.03
N ASN A 102 14.41 21.12 -4.35
CA ASN A 102 13.32 21.99 -3.86
C ASN A 102 13.75 22.41 -2.45
N GLU A 103 14.75 23.33 -2.41
CA GLU A 103 15.46 23.57 -1.18
C GLU A 103 14.72 24.16 -0.03
N GLY A 104 13.73 25.02 -0.26
CA GLY A 104 13.02 25.54 0.91
C GLY A 104 12.05 24.62 1.69
N LEU A 105 11.75 23.45 1.15
CA LEU A 105 10.59 22.72 1.68
C LEU A 105 10.94 21.87 2.90
N THR A 106 10.21 22.01 4.00
CA THR A 106 10.36 21.09 5.10
C THR A 106 8.97 20.69 5.54
N TRP A 107 8.89 19.80 6.55
CA TRP A 107 7.60 19.44 7.16
C TRP A 107 6.78 20.69 7.51
N ASN A 108 7.45 21.74 7.99
CA ASN A 108 6.78 22.98 8.46
C ASN A 108 6.48 23.95 7.36
N SER A 109 6.81 23.65 6.11
CA SER A 109 6.28 24.52 5.08
C SER A 109 5.46 23.81 4.00
N LEU A 110 4.83 22.71 4.36
CA LEU A 110 3.96 21.94 3.42
C LEU A 110 2.68 22.64 3.07
N LYS A 111 2.16 23.49 3.97
CA LYS A 111 0.91 24.22 3.62
C LYS A 111 0.98 24.87 2.23
N ASP A 112 -0.11 24.72 1.47
CA ASP A 112 -0.25 25.22 0.07
C ASP A 112 0.72 24.62 -0.96
N LYS A 113 1.48 23.58 -0.62
CA LYS A 113 2.25 22.88 -1.65
C LYS A 113 1.41 21.77 -2.35
N LYS A 114 2.04 21.06 -3.29
CA LYS A 114 1.34 20.04 -4.10
C LYS A 114 1.76 18.68 -3.55
N SER A 115 0.78 17.77 -3.33
CA SER A 115 1.15 16.53 -2.67
C SER A 115 0.73 15.33 -3.52
N CYS A 116 1.46 14.22 -3.36
CA CYS A 116 1.17 12.96 -4.10
C CYS A 116 0.95 11.90 -2.99
N HIS A 117 -0.18 11.22 -3.00
CA HIS A 117 -0.52 10.23 -1.98
C HIS A 117 -0.78 8.92 -2.60
N THR A 118 -0.49 7.81 -1.92
CA THR A 118 -0.76 6.52 -2.58
C THR A 118 -2.27 6.33 -2.92
N ALA A 119 -3.15 6.65 -1.91
CA ALA A 119 -4.62 6.74 -2.08
C ALA A 119 -5.21 7.21 -0.77
N VAL A 120 -6.37 7.80 -0.82
CA VAL A 120 -7.12 8.03 0.45
C VAL A 120 -7.26 6.70 1.17
N ASP A 121 -7.20 6.81 2.48
CA ASP A 121 -7.40 5.73 3.41
C ASP A 121 -6.23 4.74 3.53
N ARG A 122 -5.13 4.94 2.82
CA ARG A 122 -3.96 4.04 3.01
C ARG A 122 -3.02 4.57 4.09
N THR A 123 -2.20 3.70 4.66
CA THR A 123 -1.38 4.10 5.81
C THR A 123 -0.38 5.22 5.53
N ALA A 124 0.64 4.92 4.74
CA ALA A 124 1.73 5.90 4.55
C ALA A 124 1.23 6.98 3.63
N GLY A 125 0.30 6.66 2.73
CA GLY A 125 -0.07 7.72 1.74
C GLY A 125 -1.06 8.68 2.29
N TRP A 126 -1.72 8.28 3.40
CA TRP A 126 -2.86 9.10 3.86
C TRP A 126 -3.08 9.15 5.32
N ASN A 127 -3.33 8.02 5.94
CA ASN A 127 -3.75 8.08 7.35
C ASN A 127 -2.66 8.72 8.24
N ILE A 128 -1.41 8.36 7.99
CA ILE A 128 -0.34 8.87 8.87
C ILE A 128 -0.11 10.38 8.58
N PRO A 129 0.17 10.74 7.31
CA PRO A 129 0.42 12.19 7.13
C PRO A 129 -0.79 13.10 7.36
N MET A 130 -1.98 12.73 6.94
CA MET A 130 -3.16 13.59 7.16
C MET A 130 -3.54 13.58 8.64
N GLY A 131 -3.34 12.47 9.31
CA GLY A 131 -3.61 12.43 10.79
C GLY A 131 -2.70 13.42 11.51
N LEU A 132 -1.40 13.36 11.18
CA LEU A 132 -0.39 14.30 11.73
C LEU A 132 -0.76 15.74 11.38
N ILE A 133 -1.07 16.02 10.10
CA ILE A 133 -1.46 17.36 9.70
C ILE A 133 -2.70 17.93 10.35
N VAL A 134 -3.76 17.11 10.44
CA VAL A 134 -4.99 17.52 11.20
C VAL A 134 -4.65 17.88 12.65
N ASN A 135 -3.94 16.98 13.30
CA ASN A 135 -3.47 17.22 14.65
C ASN A 135 -2.67 18.50 14.80
N GLN A 136 -1.64 18.66 13.98
CA GLN A 136 -0.79 19.83 14.11
C GLN A 136 -1.46 21.15 13.77
N THR A 137 -2.35 21.12 12.78
CA THR A 137 -3.04 22.35 12.43
C THR A 137 -4.28 22.64 13.33
N GLY A 138 -4.68 21.69 14.17
CA GLY A 138 -5.97 21.73 14.84
C GLY A 138 -7.19 21.93 13.96
N SER A 139 -7.15 21.44 12.72
CA SER A 139 -8.25 21.65 11.78
C SER A 139 -8.55 20.40 10.99
N CYS A 140 -9.83 20.05 10.83
CA CYS A 140 -10.28 18.91 10.03
C CYS A 140 -10.33 19.22 8.55
N ALA A 141 -10.04 20.46 8.16
CA ALA A 141 -10.13 20.86 6.76
C ALA A 141 -8.82 20.40 6.02
N PHE A 142 -8.49 19.10 6.12
CA PHE A 142 -7.34 18.51 5.37
C PHE A 142 -7.48 18.54 3.84
N ASP A 143 -8.67 18.84 3.32
CA ASP A 143 -8.89 18.99 1.86
C ASP A 143 -8.54 20.37 1.33
N GLU A 144 -8.18 21.24 2.25
CA GLU A 144 -7.75 22.59 1.95
C GLU A 144 -6.30 22.88 2.34
N PHE A 145 -5.60 21.88 2.84
CA PHE A 145 -4.23 22.09 3.28
C PHE A 145 -3.25 22.22 2.11
N PHE A 146 -3.23 21.21 1.23
CA PHE A 146 -2.32 21.31 0.08
C PHE A 146 -3.08 22.09 -0.98
N SER A 147 -2.37 22.84 -1.79
CA SER A 147 -3.04 23.57 -2.87
C SER A 147 -3.68 22.64 -3.90
N GLN A 148 -2.96 21.56 -4.31
CA GLN A 148 -3.51 20.56 -5.25
C GLN A 148 -2.88 19.23 -4.81
N SER A 149 -3.56 18.10 -5.05
CA SER A 149 -2.94 16.82 -4.78
C SER A 149 -3.34 15.80 -5.85
N CYS A 150 -2.68 14.64 -5.78
CA CYS A 150 -3.26 13.44 -6.37
C CYS A 150 -3.45 12.54 -5.17
N ALA A 151 -4.73 12.28 -4.82
CA ALA A 151 -5.02 11.37 -3.71
C ALA A 151 -6.13 10.42 -4.23
N PRO A 152 -5.73 9.34 -4.92
CA PRO A 152 -6.76 8.50 -5.55
C PRO A 152 -7.84 8.09 -4.55
N GLY A 153 -9.11 8.15 -5.02
CA GLY A 153 -10.24 7.80 -4.20
C GLY A 153 -10.95 9.04 -3.68
N ALA A 154 -10.33 10.23 -3.82
CA ALA A 154 -11.04 11.48 -3.40
C ALA A 154 -12.02 11.92 -4.52
N ASP A 155 -12.77 12.99 -4.32
CA ASP A 155 -13.74 13.45 -5.36
C ASP A 155 -12.93 13.91 -6.58
N PRO A 156 -13.22 13.37 -7.79
CA PRO A 156 -12.35 13.71 -8.92
C PRO A 156 -12.42 15.17 -9.36
N LYS A 157 -13.44 15.91 -8.94
CA LYS A 157 -13.42 17.33 -9.32
C LYS A 157 -12.76 18.19 -8.28
N SER A 158 -12.34 17.61 -7.16
CA SER A 158 -11.76 18.38 -6.02
C SER A 158 -10.26 18.60 -6.19
N ARG A 159 -9.72 19.54 -5.42
CA ARG A 159 -8.28 19.81 -5.40
C ARG A 159 -7.52 18.57 -5.01
N LEU A 160 -8.14 17.66 -4.23
CA LEU A 160 -7.38 16.41 -3.85
C LEU A 160 -7.14 15.47 -5.03
N CYS A 161 -7.85 15.67 -6.15
CA CYS A 161 -7.57 14.89 -7.40
C CYS A 161 -6.97 15.68 -8.52
N ALA A 162 -6.72 16.99 -8.31
CA ALA A 162 -6.32 17.91 -9.42
C ALA A 162 -5.09 17.41 -10.10
N LEU A 163 -4.17 16.77 -9.38
CA LEU A 163 -2.89 16.34 -10.04
C LEU A 163 -2.91 14.90 -10.61
N CYS A 164 -3.98 14.15 -10.33
CA CYS A 164 -4.03 12.77 -10.85
C CYS A 164 -4.17 12.81 -12.38
N ALA A 165 -3.70 11.78 -13.02
CA ALA A 165 -3.56 11.77 -14.48
C ALA A 165 -4.47 10.73 -15.18
N GLY A 166 -5.12 9.81 -14.45
CA GLY A 166 -5.90 8.77 -15.14
C GLY A 166 -5.00 7.81 -15.95
N ASP A 167 -5.64 7.04 -16.86
CA ASP A 167 -4.92 5.99 -17.59
C ASP A 167 -4.33 6.53 -18.92
N ASP A 168 -3.83 5.62 -19.75
CA ASP A 168 -3.28 5.94 -21.08
C ASP A 168 -4.06 6.95 -21.83
N GLN A 169 -5.38 6.81 -21.81
CA GLN A 169 -6.26 7.71 -22.53
C GLN A 169 -6.71 8.90 -21.73
N GLY A 170 -6.21 9.02 -20.50
CA GLY A 170 -6.66 10.07 -19.59
C GLY A 170 -8.07 9.88 -19.06
N LEU A 171 -8.56 8.62 -19.03
CA LEU A 171 -9.83 8.22 -18.45
C LEU A 171 -9.51 7.76 -17.01
N ASP A 172 -10.52 7.70 -16.15
CA ASP A 172 -10.37 7.12 -14.81
C ASP A 172 -9.44 7.97 -13.93
N LYS A 173 -9.41 9.29 -14.18
CA LYS A 173 -8.58 10.18 -13.33
C LYS A 173 -8.97 9.95 -11.89
N CYS A 174 -7.95 9.74 -11.06
CA CYS A 174 -8.10 9.62 -9.58
C CYS A 174 -8.78 8.32 -9.13
N VAL A 175 -8.97 7.34 -9.98
CA VAL A 175 -9.60 6.11 -9.46
C VAL A 175 -8.50 5.44 -8.64
N PRO A 176 -8.90 4.79 -7.54
CA PRO A 176 -7.88 4.21 -6.65
C PRO A 176 -7.59 2.75 -7.10
N ASN A 177 -6.98 2.63 -8.27
CA ASN A 177 -6.44 1.38 -8.74
C ASN A 177 -5.30 1.70 -9.71
N SER A 178 -4.57 0.68 -10.13
CA SER A 178 -3.29 0.88 -10.83
C SER A 178 -3.45 1.50 -12.21
N LYS A 179 -4.68 1.65 -12.72
CA LYS A 179 -4.88 2.32 -14.03
C LYS A 179 -4.60 3.83 -13.92
N GLU A 180 -4.83 4.38 -12.73
CA GLU A 180 -4.45 5.81 -12.43
C GLU A 180 -2.89 5.85 -12.40
N LYS A 181 -2.31 6.68 -13.26
CA LYS A 181 -0.85 6.70 -13.41
C LYS A 181 -0.14 6.96 -12.05
N TYR A 182 -0.74 7.83 -11.21
CA TYR A 182 -0.13 8.16 -9.91
C TYR A 182 -0.69 7.37 -8.70
N TYR A 183 -1.20 6.16 -8.95
CA TYR A 183 -1.79 5.41 -7.81
C TYR A 183 -0.69 4.62 -7.08
N GLY A 184 -0.86 4.47 -5.77
CA GLY A 184 -0.09 3.46 -5.03
C GLY A 184 1.29 3.98 -4.70
N TYR A 185 2.14 3.12 -4.09
CA TYR A 185 3.47 3.61 -3.78
C TYR A 185 4.27 4.13 -5.00
N THR A 186 4.25 3.35 -6.08
CA THR A 186 5.10 3.71 -7.21
C THR A 186 4.48 4.92 -7.95
N GLY A 187 3.16 5.01 -8.02
CA GLY A 187 2.50 6.15 -8.72
C GLY A 187 2.73 7.47 -7.96
N ALA A 188 2.68 7.40 -6.61
CA ALA A 188 2.83 8.63 -5.85
C ALA A 188 4.31 9.03 -5.98
N PHE A 189 5.18 8.06 -5.90
CA PHE A 189 6.63 8.40 -6.13
C PHE A 189 6.92 8.98 -7.56
N ARG A 190 6.21 8.47 -8.58
CA ARG A 190 6.41 8.98 -9.93
C ARG A 190 5.84 10.41 -10.02
N CYS A 191 4.75 10.66 -9.28
CA CYS A 191 4.15 11.98 -9.22
C CYS A 191 5.18 13.00 -8.68
N LEU A 192 5.96 12.60 -7.68
CA LEU A 192 7.09 13.45 -7.23
C LEU A 192 8.21 13.48 -8.26
N ALA A 193 8.61 12.32 -8.77
CA ALA A 193 9.78 12.23 -9.66
C ALA A 193 9.56 13.16 -10.86
N GLU A 194 8.33 13.25 -11.32
CA GLU A 194 8.01 14.06 -12.50
C GLU A 194 7.74 15.50 -12.12
N ASP A 195 7.91 15.88 -10.85
CA ASP A 195 7.61 17.25 -10.34
C ASP A 195 6.18 17.66 -10.60
N VAL A 196 5.27 16.68 -10.68
CA VAL A 196 3.82 17.04 -10.62
C VAL A 196 3.50 17.51 -9.20
N GLY A 197 4.09 16.82 -8.21
CA GLY A 197 3.87 17.23 -6.83
C GLY A 197 5.17 17.71 -6.23
N ASP A 198 5.08 18.43 -5.09
CA ASP A 198 6.28 18.79 -4.30
C ASP A 198 6.70 17.72 -3.24
N VAL A 199 5.74 16.89 -2.85
CA VAL A 199 6.00 15.92 -1.75
C VAL A 199 5.22 14.63 -2.10
N ALA A 200 5.83 13.45 -1.82
CA ALA A 200 5.10 12.19 -1.96
C ALA A 200 5.09 11.48 -0.58
N PHE A 201 3.91 10.99 -0.21
CA PHE A 201 3.82 10.20 1.03
C PHE A 201 3.81 8.76 0.63
N VAL A 202 4.96 8.11 0.82
CA VAL A 202 5.12 6.71 0.46
C VAL A 202 5.87 6.03 1.59
N LYS A 203 6.51 4.89 1.31
CA LYS A 203 7.35 4.30 2.35
C LYS A 203 8.81 4.31 1.91
N ASN A 204 9.68 4.06 2.88
CA ASN A 204 11.10 4.15 2.63
C ASN A 204 11.46 3.22 1.46
N ASP A 205 10.93 1.99 1.42
CA ASP A 205 11.39 1.07 0.34
C ASP A 205 11.12 1.55 -1.07
N THR A 206 10.03 2.26 -1.25
CA THR A 206 9.68 2.80 -2.57
C THR A 206 10.80 3.66 -3.20
N VAL A 207 11.40 4.48 -2.37
CA VAL A 207 12.44 5.36 -2.89
C VAL A 207 13.62 4.51 -3.36
N TRP A 208 14.07 3.59 -2.51
CA TRP A 208 15.19 2.67 -2.93
C TRP A 208 14.92 1.85 -4.14
N GLU A 209 13.70 1.33 -4.27
CA GLU A 209 13.40 0.40 -5.30
C GLU A 209 13.17 1.05 -6.64
N ASN A 210 13.04 2.36 -6.67
CA ASN A 210 12.77 3.02 -7.93
C ASN A 210 13.86 4.06 -8.32
N THR A 211 15.05 3.85 -7.77
CA THR A 211 16.17 4.80 -8.02
C THR A 211 17.44 3.95 -8.31
N ASN A 212 18.43 4.60 -8.94
CA ASN A 212 19.82 4.04 -9.10
C ASN A 212 19.74 2.73 -9.82
N GLY A 213 18.84 2.67 -10.78
CA GLY A 213 18.72 1.54 -11.68
C GLY A 213 18.00 0.33 -11.10
N GLU A 214 17.41 0.48 -9.91
CA GLU A 214 16.70 -0.68 -9.30
C GLU A 214 15.40 -0.86 -10.05
N SER A 215 14.91 0.20 -10.67
CA SER A 215 13.86 0.01 -11.63
C SER A 215 14.33 0.35 -13.05
N THR A 216 13.95 -0.49 -14.02
CA THR A 216 14.23 -0.24 -15.44
C THR A 216 13.08 0.49 -16.11
N ALA A 217 11.96 0.66 -15.37
CA ALA A 217 10.83 1.48 -15.88
C ALA A 217 11.25 2.82 -16.40
N ASP A 218 10.60 3.21 -17.48
CA ASP A 218 11.06 4.37 -18.19
C ASP A 218 11.04 5.67 -17.37
N TRP A 219 10.06 5.84 -16.46
CA TRP A 219 10.03 7.06 -15.70
C TRP A 219 11.05 6.97 -14.57
N ALA A 220 11.47 5.75 -14.22
CA ALA A 220 12.34 5.57 -13.04
C ALA A 220 13.85 5.30 -13.34
N LYS A 221 14.09 4.85 -14.56
CA LYS A 221 15.39 4.21 -14.90
C LYS A 221 16.50 5.18 -14.73
N ASN A 222 16.21 6.45 -14.83
CA ASN A 222 17.25 7.43 -14.74
C ASN A 222 17.21 8.24 -13.42
N LEU A 223 16.39 7.85 -12.43
CA LEU A 223 16.34 8.60 -11.16
C LEU A 223 17.51 8.25 -10.20
N LYS A 224 18.04 9.25 -9.51
CA LYS A 224 19.17 9.09 -8.62
C LYS A 224 18.71 9.41 -7.23
N ARG A 225 19.03 8.53 -6.31
CA ARG A 225 18.59 8.62 -4.93
C ARG A 225 19.08 9.92 -4.30
N GLU A 226 20.23 10.42 -4.75
CA GLU A 226 20.81 11.62 -4.18
C GLU A 226 19.96 12.86 -4.48
N ASP A 227 19.11 12.77 -5.49
CA ASP A 227 18.25 13.89 -5.83
C ASP A 227 16.99 14.00 -4.94
N PHE A 228 16.88 13.14 -3.93
CA PHE A 228 15.73 13.13 -3.03
C PHE A 228 16.13 13.33 -1.59
N ARG A 229 15.21 13.91 -0.81
CA ARG A 229 15.40 14.07 0.62
C ARG A 229 14.12 13.62 1.35
N LEU A 230 14.29 13.15 2.55
CA LEU A 230 13.16 12.93 3.45
C LEU A 230 12.86 14.13 4.31
N LEU A 231 11.60 14.30 4.61
CA LEU A 231 11.17 15.35 5.52
C LEU A 231 11.02 14.77 6.93
N CYS A 232 11.76 15.31 7.91
CA CYS A 232 11.61 14.80 9.30
C CYS A 232 10.61 15.62 10.10
N LEU A 233 10.00 15.06 11.10
CA LEU A 233 9.02 15.78 11.86
C LEU A 233 9.58 16.99 12.60
N ASP A 234 10.86 16.95 12.88
CA ASP A 234 11.52 18.06 13.55
C ASP A 234 11.84 19.22 12.60
N GLY A 235 11.42 19.10 11.36
CA GLY A 235 11.63 20.13 10.40
C GLY A 235 12.92 20.10 9.62
N THR A 236 13.77 19.13 9.88
CA THR A 236 15.00 18.91 9.11
C THR A 236 14.73 18.09 7.82
N ARG A 237 15.70 18.04 6.91
CA ARG A 237 15.66 17.27 5.68
C ARG A 237 16.86 16.31 5.77
N LYS A 238 16.65 15.03 5.49
CA LYS A 238 17.74 14.07 5.46
C LYS A 238 17.84 13.25 4.19
N PRO A 239 19.04 12.74 3.90
CA PRO A 239 19.16 11.80 2.79
C PRO A 239 18.34 10.56 3.04
N VAL A 240 18.05 9.84 1.97
CA VAL A 240 17.05 8.80 2.03
C VAL A 240 17.67 7.57 2.69
N THR A 241 18.98 7.63 3.01
CA THR A 241 19.63 6.58 3.78
C THR A 241 19.31 6.72 5.26
N GLU A 242 18.69 7.85 5.66
CA GLU A 242 18.40 8.09 7.09
C GLU A 242 16.94 7.83 7.49
N ALA A 243 16.24 6.94 6.76
CA ALA A 243 14.80 6.85 7.06
C ALA A 243 14.57 6.35 8.50
N GLN A 244 15.50 5.61 9.09
CA GLN A 244 15.29 5.11 10.50
C GLN A 244 15.25 6.20 11.53
N SER A 245 15.80 7.35 11.17
CA SER A 245 15.66 8.53 12.03
C SER A 245 14.89 9.70 11.46
N CYS A 246 14.18 9.47 10.35
CA CYS A 246 13.43 10.61 9.78
C CYS A 246 12.22 9.94 9.05
N HIS A 247 11.29 9.35 9.83
CA HIS A 247 10.07 8.82 9.23
C HIS A 247 8.91 9.41 10.01
N LEU A 248 7.72 9.24 9.46
CA LEU A 248 6.50 9.75 10.08
C LEU A 248 5.88 8.72 10.97
N ALA A 249 6.07 7.43 10.65
CA ALA A 249 5.53 6.36 11.46
C ALA A 249 6.08 5.07 10.99
N VAL A 250 5.94 4.05 11.86
CA VAL A 250 6.15 2.67 11.45
C VAL A 250 4.73 2.07 11.15
N ALA A 251 4.53 1.54 9.95
CA ALA A 251 3.21 0.99 9.50
C ALA A 251 3.22 -0.52 9.66
N PRO A 252 2.04 -1.12 9.97
CA PRO A 252 1.94 -2.54 9.97
C PRO A 252 1.96 -3.08 8.53
N ASN A 253 2.63 -4.18 8.30
CA ASN A 253 2.74 -4.62 6.91
C ASN A 253 1.35 -4.95 6.30
N HIS A 254 1.29 -4.86 4.99
CA HIS A 254 0.11 -5.27 4.23
C HIS A 254 -0.15 -6.71 4.53
N ALA A 255 -1.42 -7.09 4.57
CA ALA A 255 -1.74 -8.48 4.98
C ALA A 255 -3.01 -8.95 4.22
N VAL A 256 -3.14 -10.26 4.08
CA VAL A 256 -4.32 -10.91 3.54
C VAL A 256 -5.44 -10.91 4.56
N VAL A 257 -6.66 -10.53 4.11
CA VAL A 257 -7.78 -10.65 5.01
C VAL A 257 -8.80 -11.55 4.34
N SER A 258 -9.67 -12.16 5.17
CA SER A 258 -10.77 -12.93 4.61
C SER A 258 -11.93 -12.90 5.61
N ARG A 259 -13.09 -13.43 5.23
CA ARG A 259 -14.05 -13.74 6.29
C ARG A 259 -13.50 -14.72 7.22
N SER A 260 -13.92 -14.57 8.45
CA SER A 260 -13.46 -15.41 9.49
C SER A 260 -13.74 -16.90 9.20
N ASP A 261 -14.91 -17.22 8.64
CA ASP A 261 -15.28 -18.62 8.36
C ASP A 261 -14.43 -19.25 7.23
N ARG A 262 -13.70 -18.43 6.47
CA ARG A 262 -12.84 -18.90 5.37
C ARG A 262 -11.33 -18.79 5.63
N ALA A 263 -10.94 -18.19 6.76
CA ALA A 263 -9.51 -17.85 7.02
C ALA A 263 -8.60 -19.05 7.05
N ALA A 264 -9.04 -20.13 7.72
CA ALA A 264 -8.17 -21.29 7.84
C ALA A 264 -7.91 -21.87 6.46
N HIS A 265 -8.95 -21.93 5.66
CA HIS A 265 -8.79 -22.50 4.33
C HIS A 265 -8.01 -21.62 3.36
N VAL A 266 -8.25 -20.31 3.45
CA VAL A 266 -7.44 -19.33 2.70
C VAL A 266 -5.98 -19.42 3.08
N GLU A 267 -5.70 -19.57 4.36
CA GLU A 267 -4.34 -19.62 4.85
C GLU A 267 -3.63 -20.88 4.25
N GLN A 268 -4.33 -21.99 4.28
CA GLN A 268 -3.71 -23.27 3.85
C GLN A 268 -3.40 -23.25 2.37
N VAL A 269 -4.34 -22.71 1.60
CA VAL A 269 -4.13 -22.60 0.19
C VAL A 269 -2.98 -21.68 -0.12
N LEU A 270 -2.97 -20.49 0.51
CA LEU A 270 -1.86 -19.57 0.27
C LEU A 270 -0.48 -20.12 0.61
N LEU A 271 -0.38 -20.81 1.73
CA LEU A 271 0.92 -21.39 2.06
C LEU A 271 1.41 -22.36 0.98
N HIS A 272 0.48 -23.11 0.43
CA HIS A 272 0.80 -24.01 -0.68
C HIS A 272 1.07 -23.25 -1.96
N GLN A 273 0.28 -22.19 -2.27
CA GLN A 273 0.54 -21.44 -3.52
C GLN A 273 1.92 -20.73 -3.47
N GLN A 274 2.33 -20.24 -2.32
CA GLN A 274 3.64 -19.58 -2.32
C GLN A 274 4.83 -20.58 -2.34
N ALA A 275 4.58 -21.79 -1.85
CA ALA A 275 5.60 -22.87 -2.05
C ALA A 275 5.88 -23.13 -3.53
N LEU A 276 4.86 -22.96 -4.37
CA LEU A 276 5.00 -23.08 -5.78
C LEU A 276 5.47 -21.80 -6.47
N PHE A 277 4.89 -20.64 -6.07
CA PHE A 277 5.07 -19.42 -6.93
C PHE A 277 5.73 -18.26 -6.22
N GLY A 278 6.06 -18.46 -4.95
CA GLY A 278 6.63 -17.44 -4.13
C GLY A 278 8.11 -17.29 -4.46
N LYS A 279 8.82 -16.55 -3.64
CA LYS A 279 10.27 -16.36 -3.83
C LYS A 279 10.98 -17.73 -3.67
N ASN A 280 11.89 -18.04 -4.59
CA ASN A 280 12.41 -19.42 -4.79
C ASN A 280 11.34 -20.50 -4.81
N GLY A 281 10.09 -20.17 -5.16
CA GLY A 281 9.08 -21.20 -5.30
C GLY A 281 9.44 -22.21 -6.37
N LYS A 282 8.87 -23.40 -6.26
CA LYS A 282 9.22 -24.50 -7.16
C LYS A 282 9.00 -24.16 -8.63
N ASN A 283 8.03 -23.29 -8.93
CA ASN A 283 7.71 -22.87 -10.27
C ASN A 283 7.91 -21.36 -10.58
N CYS A 284 8.68 -20.68 -9.75
CA CYS A 284 9.03 -19.33 -10.01
C CYS A 284 10.52 -19.31 -10.14
N PRO A 285 11.06 -18.81 -11.24
CA PRO A 285 10.42 -17.93 -12.22
C PRO A 285 9.95 -18.61 -13.46
N ASP A 286 10.07 -19.91 -13.45
CA ASP A 286 9.88 -20.69 -14.62
C ASP A 286 8.48 -20.58 -15.19
N LYS A 287 7.48 -20.57 -14.32
CA LYS A 287 6.10 -20.57 -14.79
C LYS A 287 5.34 -19.33 -14.32
N PHE A 288 5.48 -18.95 -13.05
CA PHE A 288 4.69 -17.79 -12.55
C PHE A 288 5.29 -17.37 -11.23
N CYS A 289 5.41 -16.06 -11.05
CA CYS A 289 5.92 -15.54 -9.77
C CYS A 289 4.84 -14.63 -9.15
N LEU A 290 4.34 -15.07 -8.03
CA LEU A 290 3.19 -14.47 -7.34
C LEU A 290 3.59 -13.07 -6.84
N PHE A 291 4.90 -12.85 -6.53
CA PHE A 291 5.36 -11.64 -5.91
C PHE A 291 6.12 -10.74 -6.88
N LYS A 292 5.98 -10.92 -8.18
CA LYS A 292 6.52 -10.00 -9.20
C LYS A 292 5.43 -9.41 -10.10
N SER A 293 5.63 -8.16 -10.52
CA SER A 293 4.70 -7.56 -11.48
C SER A 293 5.38 -6.34 -12.15
N GLU A 294 6.65 -6.53 -12.46
CA GLU A 294 7.48 -5.40 -12.96
C GLU A 294 7.22 -4.06 -12.22
N THR A 295 7.43 -4.10 -10.90
CA THR A 295 7.42 -2.92 -9.99
C THR A 295 6.02 -2.34 -9.63
N LYS A 296 5.00 -2.87 -10.27
CA LYS A 296 3.70 -2.35 -10.16
C LYS A 296 2.97 -2.79 -8.90
N ASN A 297 3.58 -3.68 -8.15
CA ASN A 297 2.98 -4.09 -6.86
C ASN A 297 1.59 -4.61 -7.03
N LEU A 298 1.37 -5.55 -7.96
CA LEU A 298 -0.02 -5.99 -8.24
C LEU A 298 -0.32 -7.26 -7.41
N LEU A 299 -1.39 -7.21 -6.60
CA LEU A 299 -1.86 -8.28 -5.66
C LEU A 299 -1.04 -8.28 -4.40
N PHE A 300 0.31 -8.26 -4.56
CA PHE A 300 1.22 -8.18 -3.46
C PHE A 300 2.28 -7.17 -3.80
N ASN A 301 2.93 -6.60 -2.80
CA ASN A 301 4.11 -5.78 -3.10
C ASN A 301 5.22 -6.66 -3.70
N ASP A 302 5.89 -6.10 -4.70
CA ASP A 302 7.00 -6.84 -5.37
C ASP A 302 8.14 -7.13 -4.45
N ASN A 303 8.30 -6.36 -3.39
CA ASN A 303 9.37 -6.75 -2.43
C ASN A 303 9.03 -7.87 -1.39
N THR A 304 7.89 -8.55 -1.55
CA THR A 304 7.49 -9.51 -0.58
C THR A 304 8.34 -10.77 -0.72
N GLU A 305 8.95 -11.19 0.36
CA GLU A 305 9.68 -12.47 0.33
C GLU A 305 8.76 -13.69 0.58
N CYS A 306 7.77 -13.56 1.47
CA CYS A 306 6.77 -14.60 1.66
C CYS A 306 5.58 -13.96 2.37
N LEU A 307 4.50 -14.68 2.44
CA LEU A 307 3.42 -14.37 3.34
C LEU A 307 3.72 -15.17 4.65
N ALA A 308 3.69 -14.49 5.79
CA ALA A 308 4.08 -15.07 7.07
C ALA A 308 2.90 -15.30 7.96
N LYS A 309 2.94 -16.40 8.71
CA LYS A 309 1.96 -16.66 9.78
C LYS A 309 1.98 -15.57 10.80
N LEU A 310 0.80 -15.25 11.36
CA LEU A 310 0.70 -14.22 12.37
C LEU A 310 0.83 -14.89 13.78
N GLY A 311 1.46 -14.24 14.73
CA GLY A 311 1.49 -14.76 16.14
C GLY A 311 0.24 -14.30 16.87
N GLY A 312 -0.34 -15.18 17.69
CA GLY A 312 -1.43 -14.75 18.57
C GLY A 312 -2.82 -14.69 17.94
N ARG A 313 -3.04 -15.29 16.76
CA ARG A 313 -4.39 -15.24 16.08
C ARG A 313 -4.99 -13.87 16.25
N PRO A 314 -4.27 -12.84 15.75
CA PRO A 314 -4.66 -11.51 16.16
C PRO A 314 -5.97 -11.07 15.54
N THR A 315 -6.70 -10.24 16.28
CA THR A 315 -7.82 -9.55 15.71
C THR A 315 -7.26 -8.41 14.81
N TYR A 316 -8.15 -7.76 14.06
CA TYR A 316 -7.58 -6.72 13.20
C TYR A 316 -6.98 -5.57 14.03
N GLU A 317 -7.57 -5.30 15.20
CA GLU A 317 -6.97 -4.28 16.09
C GLU A 317 -5.67 -4.64 16.68
N GLU A 318 -5.52 -5.89 17.07
CA GLU A 318 -4.24 -6.42 17.50
C GLU A 318 -3.20 -6.33 16.39
N TYR A 319 -3.59 -6.68 15.18
CA TYR A 319 -2.64 -6.69 14.07
C TYR A 319 -2.17 -5.22 13.75
N LEU A 320 -3.12 -4.30 13.66
CA LEU A 320 -2.80 -2.93 13.30
C LEU A 320 -2.07 -2.24 14.48
N GLY A 321 -2.46 -2.61 15.70
CA GLY A 321 -1.88 -2.10 16.93
C GLY A 321 -2.68 -0.92 17.41
N THR A 322 -2.70 -0.72 18.72
CA THR A 322 -3.71 0.18 19.35
C THR A 322 -3.47 1.61 19.00
N GLU A 323 -2.22 1.99 18.90
CA GLU A 323 -1.91 3.38 18.55
C GLU A 323 -2.39 3.75 17.13
N TYR A 324 -2.05 2.91 16.15
CA TYR A 324 -2.51 3.14 14.74
C TYR A 324 -4.00 3.20 14.66
N VAL A 325 -4.71 2.30 15.36
CA VAL A 325 -6.17 2.25 15.29
C VAL A 325 -6.76 3.55 15.82
N THR A 326 -6.14 4.02 16.88
CA THR A 326 -6.66 5.24 17.51
C THR A 326 -6.36 6.44 16.60
N ALA A 327 -5.18 6.45 16.00
CA ALA A 327 -4.89 7.51 15.01
C ALA A 327 -5.90 7.53 13.87
N ILE A 328 -6.27 6.34 13.34
CA ILE A 328 -7.24 6.31 12.29
C ILE A 328 -8.59 6.80 12.83
N ALA A 329 -8.97 6.29 13.99
CA ALA A 329 -10.27 6.64 14.56
C ALA A 329 -10.39 8.17 14.65
N ASN A 330 -9.37 8.79 15.23
CA ASN A 330 -9.29 10.27 15.35
C ASN A 330 -9.39 10.98 14.02
N LEU A 331 -8.68 10.48 13.01
CA LEU A 331 -8.72 11.17 11.74
C LEU A 331 -10.12 11.01 11.13
N LYS A 332 -10.75 9.86 11.34
CA LYS A 332 -12.06 9.60 10.70
C LYS A 332 -13.16 10.49 11.32
N LYS A 333 -12.94 10.95 12.53
CA LYS A 333 -13.82 11.98 13.11
C LYS A 333 -13.98 13.17 12.16
N CYS A 334 -12.95 13.49 11.36
CA CYS A 334 -13.12 14.59 10.43
C CYS A 334 -14.13 14.40 9.27
N SER A 335 -14.43 13.16 8.91
CA SER A 335 -15.23 12.92 7.68
C SER A 335 -16.72 12.61 7.88
N LEU B 1 -15.00 5.17 15.26
CA LEU B 1 -14.83 3.98 16.14
C LEU B 1 -16.12 3.17 16.36
N GLU B 2 -16.99 3.12 15.35
CA GLU B 2 -18.26 2.35 15.43
C GLU B 2 -18.39 1.28 14.32
N ALA B 3 -19.47 1.35 13.53
CA ALA B 3 -19.91 0.25 12.69
C ALA B 3 -19.15 0.06 11.35
N CYS B 4 -19.47 -1.05 10.68
CA CYS B 4 -19.06 -1.24 9.29
C CYS B 4 -19.55 -0.06 8.38
N ALA B 5 -18.63 0.46 7.53
CA ALA B 5 -18.93 1.51 6.55
C ALA B 5 -19.87 1.11 5.42
N PHE B 6 -20.11 -0.19 5.24
CA PHE B 6 -21.02 -0.63 4.19
C PHE B 6 -22.34 -1.16 4.75
#